data_4Z7R
#
_entry.id   4Z7R
#
_cell.length_a   45.431
_cell.length_b   51.991
_cell.length_c   120.536
_cell.angle_alpha   90.000
_cell.angle_beta   95.490
_cell.angle_gamma   90.000
#
_symmetry.space_group_name_H-M   'P 1 21 1'
#
loop_
_entity.id
_entity.type
_entity.pdbx_description
1 polymer 'Coenzyme PQQ synthesis protein B'
2 non-polymer 'ZINC ION'
3 water water
#
_entity_poly.entity_id   1
_entity_poly.type   'polypeptide(L)'
_entity_poly.pdbx_seq_one_letter_code
;MHVVILGSAAGGGVPQWNCRCSICSLAWAGDSRVRPRTQSSIAVSPDGERWLLLNASPDIRQQIQANPQMHPREGLRHSP
IHAVLLTNGDVDHVAGLLTLREGQPFTLYATPGILASVSDNRVFDVMAADVVKRQTIALNETFEPVPGLSVTLFSVPGKV
PLWLEDASMEIGAETETTVGTMIEAGGKRLAYIPGCARVTEDLKARIAGADALLFDGTVLEDDDMIRAGVGTKTGWRMGH
IQMNGETGSIASLADIEIGRRVFVHINNTNPVLIEDSYERASVEARGWTVAHDGLTLDL
;
_entity_poly.pdbx_strand_id   A,B
#
loop_
_chem_comp.id
_chem_comp.type
_chem_comp.name
_chem_comp.formula
ZN non-polymer 'ZINC ION' 'Zn 2'
#
# COMPACT_ATOMS: atom_id res chain seq x y z
N MET A 1 -17.70 7.21 -21.48
CA MET A 1 -16.49 6.87 -20.75
C MET A 1 -16.76 6.73 -19.26
N HIS A 2 -16.27 5.65 -18.66
CA HIS A 2 -16.43 5.43 -17.23
C HIS A 2 -15.17 5.85 -16.47
N VAL A 3 -15.36 6.62 -15.41
CA VAL A 3 -14.24 7.03 -14.58
C VAL A 3 -14.52 6.69 -13.13
N VAL A 4 -13.55 6.09 -12.45
CA VAL A 4 -13.66 5.94 -11.00
C VAL A 4 -12.41 6.48 -10.32
N ILE A 5 -12.61 7.37 -9.36
CA ILE A 5 -11.51 7.89 -8.57
C ILE A 5 -11.24 6.93 -7.41
N LEU A 6 -10.12 6.22 -7.50
CA LEU A 6 -9.78 5.21 -6.50
C LEU A 6 -9.18 5.84 -5.26
N GLY A 7 -8.32 6.82 -5.47
CA GLY A 7 -7.71 7.55 -4.37
C GLY A 7 -7.71 9.03 -4.70
N SER A 8 -8.18 9.84 -3.77
CA SER A 8 -8.36 11.26 -4.04
C SER A 8 -7.41 12.11 -3.21
N ALA A 9 -6.59 11.46 -2.39
CA ALA A 9 -5.65 12.17 -1.53
C ALA A 9 -4.26 12.28 -2.17
N ALA A 10 -3.48 13.23 -1.67
CA ALA A 10 -2.06 13.33 -2.00
C ALA A 10 -1.27 12.25 -1.28
N GLY A 11 0.04 12.23 -1.50
CA GLY A 11 0.91 11.34 -0.76
C GLY A 11 0.61 11.37 0.72
N GLY A 12 0.54 10.20 1.34
CA GLY A 12 0.25 10.09 2.76
C GLY A 12 -1.20 9.70 3.03
N GLY A 13 -2.07 10.05 2.09
CA GLY A 13 -3.49 9.80 2.25
C GLY A 13 -4.12 10.62 3.37
N VAL A 14 -5.36 10.29 3.69
CA VAL A 14 -6.08 10.93 4.80
C VAL A 14 -6.75 9.83 5.62
N PRO A 15 -6.34 9.67 6.89
CA PRO A 15 -5.25 10.42 7.53
C PRO A 15 -3.88 9.93 7.09
N GLN A 16 -2.85 10.70 7.43
CA GLN A 16 -1.48 10.28 7.20
C GLN A 16 -0.98 9.57 8.45
N TRP A 17 -0.22 8.50 8.27
CA TRP A 17 0.07 7.56 9.36
C TRP A 17 0.76 8.20 10.57
N ASN A 18 1.51 9.27 10.34
CA ASN A 18 2.20 9.94 11.44
C ASN A 18 1.75 11.38 11.64
N CYS A 19 0.52 11.69 11.21
CA CYS A 19 0.03 13.05 11.33
C CYS A 19 -1.15 13.18 12.27
N ARG A 20 -1.11 14.20 13.11
CA ARG A 20 -2.24 14.52 13.99
C ARG A 20 -2.67 15.98 13.83
N CYS A 21 -2.61 16.49 12.60
CA CYS A 21 -3.18 17.80 12.31
C CYS A 21 -4.69 17.75 12.56
N SER A 22 -5.34 18.91 12.54
CA SER A 22 -6.76 18.98 12.89
C SER A 22 -7.63 18.14 11.94
N ILE A 23 -7.21 18.06 10.68
CA ILE A 23 -7.96 17.28 9.70
C ILE A 23 -7.79 15.78 9.92
N CYS A 24 -6.54 15.33 9.99
CA CYS A 24 -6.26 13.92 10.25
C CYS A 24 -6.87 13.45 11.58
N SER A 25 -6.81 14.31 12.59
CA SER A 25 -7.34 13.98 13.91
C SER A 25 -8.84 13.69 13.84
N LEU A 26 -9.54 14.44 13.00
CA LEU A 26 -10.97 14.19 12.76
C LEU A 26 -11.15 12.81 12.14
N ALA A 27 -10.30 12.47 11.18
CA ALA A 27 -10.34 11.16 10.54
C ALA A 27 -10.03 10.04 11.52
N TRP A 28 -9.01 10.23 12.35
CA TRP A 28 -8.63 9.21 13.33
C TRP A 28 -9.78 8.93 14.30
N ALA A 29 -10.54 9.97 14.63
CA ALA A 29 -11.65 9.85 15.56
C ALA A 29 -12.92 9.32 14.89
N GLY A 30 -12.89 9.24 13.57
CA GLY A 30 -14.05 8.78 12.82
C GLY A 30 -15.15 9.84 12.75
N ASP A 31 -14.74 11.10 12.87
CA ASP A 31 -15.66 12.22 12.75
C ASP A 31 -16.16 12.35 11.31
N SER A 32 -17.47 12.57 11.15
CA SER A 32 -18.08 12.59 9.82
C SER A 32 -17.63 13.78 8.96
N ARG A 33 -17.02 14.79 9.58
CA ARG A 33 -16.59 15.98 8.85
C ARG A 33 -15.39 15.72 7.93
N VAL A 34 -14.73 14.58 8.09
CA VAL A 34 -13.61 14.23 7.22
C VAL A 34 -13.68 12.77 6.75
N ARG A 35 -13.87 12.58 5.46
CA ARG A 35 -13.85 11.24 4.89
C ARG A 35 -12.42 10.76 4.67
N PRO A 36 -12.08 9.57 5.19
CA PRO A 36 -10.75 9.00 4.95
C PRO A 36 -10.51 8.78 3.46
N ARG A 37 -9.29 8.97 3.01
CA ARG A 37 -8.98 8.87 1.58
C ARG A 37 -7.68 8.11 1.34
N THR A 38 -7.67 7.29 0.31
CA THR A 38 -6.45 6.63 -0.14
C THR A 38 -5.73 7.51 -1.16
N GLN A 39 -4.51 7.12 -1.53
CA GLN A 39 -3.62 7.97 -2.32
C GLN A 39 -3.87 7.94 -3.83
N SER A 40 -3.55 9.07 -4.46
CA SER A 40 -3.89 9.40 -5.84
C SER A 40 -3.82 8.27 -6.87
N SER A 41 -4.99 7.90 -7.38
CA SER A 41 -5.11 6.93 -8.47
C SER A 41 -6.53 6.96 -9.02
N ILE A 42 -6.67 6.82 -10.33
CA ILE A 42 -7.99 6.70 -10.94
C ILE A 42 -7.98 5.56 -11.96
N ALA A 43 -9.17 5.06 -12.28
CA ALA A 43 -9.30 4.05 -13.32
C ALA A 43 -10.31 4.52 -14.36
N VAL A 44 -10.01 4.27 -15.63
CA VAL A 44 -10.88 4.72 -16.71
C VAL A 44 -11.14 3.57 -17.67
N SER A 45 -12.36 3.49 -18.19
CA SER A 45 -12.73 2.44 -19.13
C SER A 45 -13.64 2.97 -20.23
N PRO A 46 -13.44 2.50 -21.47
CA PRO A 46 -14.34 2.87 -22.56
C PRO A 46 -15.63 2.06 -22.55
N ASP A 47 -15.64 0.92 -21.86
CA ASP A 47 -16.75 -0.01 -21.97
C ASP A 47 -17.27 -0.50 -20.62
N GLY A 48 -16.56 -0.17 -19.54
CA GLY A 48 -16.97 -0.57 -18.21
C GLY A 48 -16.50 -1.95 -17.77
N GLU A 49 -15.72 -2.62 -18.62
CA GLU A 49 -15.23 -3.96 -18.29
C GLU A 49 -13.71 -4.04 -18.37
N ARG A 50 -13.14 -3.31 -19.32
CA ARG A 50 -11.70 -3.29 -19.52
C ARG A 50 -11.15 -1.94 -19.08
N TRP A 51 -10.23 -1.94 -18.12
CA TRP A 51 -9.83 -0.70 -17.47
C TRP A 51 -8.36 -0.36 -17.60
N LEU A 52 -8.10 0.94 -17.68
CA LEU A 52 -6.75 1.47 -17.58
C LEU A 52 -6.58 2.08 -16.19
N LEU A 53 -5.53 1.64 -15.49
CA LEU A 53 -5.20 2.24 -14.20
C LEU A 53 -4.23 3.39 -14.38
N LEU A 54 -4.60 4.56 -13.87
CA LEU A 54 -3.70 5.70 -13.90
C LEU A 54 -3.05 5.87 -12.54
N ASN A 55 -1.75 5.57 -12.49
CA ASN A 55 -0.94 5.54 -11.27
C ASN A 55 -1.30 4.36 -10.38
N ALA A 56 -0.33 3.91 -9.60
CA ALA A 56 -0.49 2.74 -8.75
C ALA A 56 -0.03 3.07 -7.32
N SER A 57 -1.00 3.38 -6.46
CA SER A 57 -0.72 3.93 -5.14
C SER A 57 -0.42 2.85 -4.10
N PRO A 58 0.21 3.23 -2.98
CA PRO A 58 0.47 2.27 -1.90
C PRO A 58 -0.81 1.61 -1.36
N ASP A 59 -1.95 2.23 -1.61
CA ASP A 59 -3.23 1.73 -1.12
C ASP A 59 -3.97 0.85 -2.15
N ILE A 60 -3.27 0.47 -3.21
CA ILE A 60 -3.95 -0.11 -4.38
C ILE A 60 -4.76 -1.35 -4.05
N ARG A 61 -4.31 -2.15 -3.09
CA ARG A 61 -5.03 -3.36 -2.74
C ARG A 61 -6.38 -3.02 -2.08
N GLN A 62 -6.37 -1.99 -1.23
CA GLN A 62 -7.60 -1.53 -0.60
C GLN A 62 -8.53 -0.88 -1.63
N GLN A 63 -7.93 -0.20 -2.60
CA GLN A 63 -8.69 0.46 -3.65
C GLN A 63 -9.40 -0.54 -4.56
N ILE A 64 -8.72 -1.65 -4.83
CA ILE A 64 -9.29 -2.72 -5.65
C ILE A 64 -10.45 -3.36 -4.88
N GLN A 65 -10.25 -3.62 -3.59
CA GLN A 65 -11.30 -4.23 -2.78
C GLN A 65 -12.54 -3.35 -2.70
N ALA A 66 -12.32 -2.05 -2.49
CA ALA A 66 -13.41 -1.12 -2.23
C ALA A 66 -14.23 -0.77 -3.48
N ASN A 67 -13.69 -1.05 -4.66
CA ASN A 67 -14.36 -0.67 -5.89
C ASN A 67 -14.60 -1.87 -6.80
N PRO A 68 -15.85 -2.36 -6.83
CA PRO A 68 -16.26 -3.57 -7.56
C PRO A 68 -15.81 -3.60 -9.02
N GLN A 69 -15.69 -2.43 -9.64
CA GLN A 69 -15.17 -2.32 -11.00
C GLN A 69 -13.79 -2.97 -11.15
N MET A 70 -13.03 -2.98 -10.08
CA MET A 70 -11.67 -3.51 -10.10
C MET A 70 -11.59 -5.00 -9.74
N HIS A 71 -12.69 -5.57 -9.26
CA HIS A 71 -12.69 -6.95 -8.83
C HIS A 71 -12.41 -7.90 -9.98
N PRO A 72 -11.57 -8.92 -9.74
CA PRO A 72 -11.22 -9.90 -10.77
C PRO A 72 -12.46 -10.67 -11.25
N ARG A 73 -12.43 -11.07 -12.52
CA ARG A 73 -13.53 -11.82 -13.11
C ARG A 73 -13.32 -13.32 -12.90
N GLU A 74 -14.34 -14.10 -13.26
CA GLU A 74 -14.30 -15.56 -13.14
C GLU A 74 -13.08 -16.17 -13.83
N GLY A 75 -12.49 -17.17 -13.20
CA GLY A 75 -11.39 -17.91 -13.79
C GLY A 75 -10.02 -17.53 -13.26
N LEU A 76 -9.00 -18.01 -13.97
CA LEU A 76 -7.61 -17.84 -13.55
C LEU A 76 -7.02 -16.58 -14.14
N ARG A 77 -6.38 -15.77 -13.29
CA ARG A 77 -5.67 -14.56 -13.70
C ARG A 77 -6.52 -13.68 -14.61
N HIS A 78 -7.71 -13.34 -14.14
CA HIS A 78 -8.69 -12.64 -14.97
C HIS A 78 -9.09 -11.30 -14.35
N SER A 79 -8.19 -10.33 -14.45
CA SER A 79 -8.41 -9.01 -13.86
C SER A 79 -8.92 -8.01 -14.89
N PRO A 80 -9.81 -7.09 -14.47
CA PRO A 80 -10.31 -6.05 -15.37
C PRO A 80 -9.26 -4.99 -15.68
N ILE A 81 -8.18 -4.97 -14.90
CA ILE A 81 -7.09 -4.04 -15.16
C ILE A 81 -6.23 -4.55 -16.31
N HIS A 82 -6.30 -3.85 -17.44
CA HIS A 82 -5.57 -4.26 -18.63
C HIS A 82 -4.23 -3.53 -18.77
N ALA A 83 -4.15 -2.33 -18.22
CA ALA A 83 -2.94 -1.53 -18.36
C ALA A 83 -2.77 -0.54 -17.21
N VAL A 84 -1.53 -0.14 -16.98
CA VAL A 84 -1.24 0.88 -15.97
C VAL A 84 -0.41 1.97 -16.60
N LEU A 85 -0.80 3.22 -16.35
CA LEU A 85 -0.05 4.38 -16.82
C LEU A 85 0.42 5.21 -15.62
N LEU A 86 1.70 5.58 -15.63
CA LEU A 86 2.26 6.44 -14.60
C LEU A 86 2.39 7.88 -15.08
N THR A 87 1.91 8.84 -14.30
CA THR A 87 2.02 10.25 -14.65
C THR A 87 3.29 10.89 -14.09
N ASN A 88 3.85 10.28 -13.05
CA ASN A 88 5.15 10.69 -12.53
C ASN A 88 5.78 9.59 -11.67
N GLY A 89 6.96 9.85 -11.13
CA GLY A 89 7.71 8.84 -10.40
C GLY A 89 7.60 8.91 -8.88
N ASP A 90 6.66 9.69 -8.36
CA ASP A 90 6.45 9.78 -6.92
C ASP A 90 6.07 8.43 -6.32
N VAL A 91 6.46 8.20 -5.06
CA VAL A 91 6.19 6.94 -4.39
C VAL A 91 4.69 6.67 -4.30
N ASP A 92 3.88 7.70 -4.13
CA ASP A 92 2.45 7.49 -4.02
C ASP A 92 1.81 7.15 -5.37
N HIS A 93 2.59 7.24 -6.44
CA HIS A 93 2.11 6.84 -7.77
C HIS A 93 2.67 5.51 -8.28
N VAL A 94 3.78 5.04 -7.69
CA VAL A 94 4.44 3.85 -8.21
C VAL A 94 4.51 2.67 -7.23
N ALA A 95 4.33 2.93 -5.93
CA ALA A 95 4.46 1.88 -4.93
C ALA A 95 3.49 0.73 -5.14
N GLY A 96 2.32 1.03 -5.68
CA GLY A 96 1.30 0.03 -5.94
C GLY A 96 1.70 -1.05 -6.93
N LEU A 97 2.71 -0.77 -7.74
CA LEU A 97 3.17 -1.73 -8.74
C LEU A 97 3.67 -3.00 -8.07
N LEU A 98 4.20 -2.87 -6.86
CA LEU A 98 4.72 -4.01 -6.12
C LEU A 98 3.62 -5.01 -5.75
N THR A 99 2.37 -4.53 -5.75
CA THR A 99 1.21 -5.37 -5.45
C THR A 99 0.76 -6.14 -6.69
N LEU A 100 1.01 -5.58 -7.87
CA LEU A 100 0.52 -6.16 -9.12
C LEU A 100 1.50 -7.21 -9.67
N ARG A 101 1.83 -8.20 -8.84
CA ARG A 101 2.98 -9.05 -9.11
C ARG A 101 2.69 -10.53 -9.41
N GLU A 102 1.52 -11.02 -9.03
CA GLU A 102 1.25 -12.45 -9.07
C GLU A 102 0.92 -13.00 -10.46
N GLY A 103 1.85 -12.84 -11.39
CA GLY A 103 1.73 -13.43 -12.72
C GLY A 103 0.63 -12.87 -13.60
N GLN A 104 0.11 -11.69 -13.25
CA GLN A 104 -0.95 -11.09 -14.04
C GLN A 104 -0.41 -10.28 -15.21
N PRO A 105 -0.80 -10.66 -16.44
CA PRO A 105 -0.37 -9.91 -17.62
C PRO A 105 -1.05 -8.54 -17.71
N PHE A 106 -0.25 -7.51 -17.94
CA PHE A 106 -0.75 -6.20 -18.32
C PHE A 106 0.39 -5.40 -18.93
N THR A 107 0.09 -4.24 -19.50
CA THR A 107 1.12 -3.37 -20.05
C THR A 107 1.30 -2.14 -19.17
N LEU A 108 2.54 -1.90 -18.77
CA LEU A 108 2.88 -0.71 -17.99
C LEU A 108 3.41 0.39 -18.90
N TYR A 109 2.73 1.53 -18.89
CA TYR A 109 3.09 2.67 -19.73
C TYR A 109 3.65 3.83 -18.91
N ALA A 110 4.71 4.45 -19.43
CA ALA A 110 5.25 5.68 -18.86
C ALA A 110 6.21 6.34 -19.87
N THR A 111 6.59 7.58 -19.61
CA THR A 111 7.61 8.22 -20.41
C THR A 111 8.92 7.47 -20.24
N PRO A 112 9.87 7.61 -21.19
CA PRO A 112 11.14 6.88 -21.06
C PRO A 112 11.87 7.18 -19.75
N GLY A 113 11.85 8.44 -19.31
CA GLY A 113 12.51 8.82 -18.08
C GLY A 113 11.93 8.16 -16.84
N ILE A 114 10.60 8.12 -16.75
CA ILE A 114 9.94 7.55 -15.59
C ILE A 114 10.06 6.02 -15.54
N LEU A 115 9.84 5.37 -16.68
CA LEU A 115 9.99 3.92 -16.79
C LEU A 115 11.41 3.50 -16.41
N ALA A 116 12.40 4.25 -16.88
CA ALA A 116 13.80 3.96 -16.59
C ALA A 116 14.07 4.07 -15.09
N SER A 117 13.53 5.11 -14.47
CA SER A 117 13.72 5.31 -13.03
C SER A 117 13.12 4.17 -12.22
N VAL A 118 11.92 3.74 -12.63
CA VAL A 118 11.26 2.60 -12.00
C VAL A 118 12.05 1.31 -12.20
N SER A 119 12.36 1.01 -13.46
CA SER A 119 13.11 -0.20 -13.81
C SER A 119 14.51 -0.25 -13.21
N ASP A 120 15.07 0.91 -12.83
CA ASP A 120 16.37 0.95 -12.18
C ASP A 120 16.30 0.43 -10.75
N ASN A 121 15.08 0.24 -10.25
CA ASN A 121 14.85 -0.37 -8.95
C ASN A 121 14.48 -1.85 -9.12
N ARG A 122 15.40 -2.73 -8.74
CA ARG A 122 15.21 -4.16 -8.93
C ARG A 122 14.03 -4.73 -8.14
N VAL A 123 13.58 -4.00 -7.12
CA VAL A 123 12.43 -4.46 -6.34
C VAL A 123 11.17 -4.54 -7.22
N PHE A 124 11.12 -3.72 -8.28
CA PHE A 124 10.00 -3.74 -9.21
C PHE A 124 10.08 -4.87 -10.24
N ASP A 125 11.11 -5.72 -10.14
CA ASP A 125 11.20 -6.89 -11.01
C ASP A 125 10.13 -7.93 -10.66
N VAL A 126 9.39 -7.70 -9.58
CA VAL A 126 8.25 -8.57 -9.25
C VAL A 126 7.18 -8.49 -10.34
N MET A 127 7.20 -7.43 -11.13
CA MET A 127 6.47 -7.40 -12.39
C MET A 127 7.30 -8.14 -13.43
N ALA A 128 7.07 -9.44 -13.55
CA ALA A 128 7.93 -10.32 -14.34
C ALA A 128 7.98 -9.91 -15.82
N ALA A 129 9.18 -9.98 -16.39
CA ALA A 129 9.43 -9.56 -17.76
C ALA A 129 8.65 -10.37 -18.80
N ASP A 130 8.31 -11.62 -18.47
CA ASP A 130 7.59 -12.48 -19.39
C ASP A 130 6.09 -12.35 -19.19
N VAL A 131 5.69 -11.44 -18.31
CA VAL A 131 4.30 -11.27 -17.94
C VAL A 131 3.85 -9.82 -18.15
N VAL A 132 4.63 -8.90 -17.60
CA VAL A 132 4.30 -7.48 -17.69
C VAL A 132 5.14 -6.79 -18.76
N LYS A 133 4.49 -6.29 -19.79
CA LYS A 133 5.15 -5.50 -20.82
C LYS A 133 5.39 -4.07 -20.37
N ARG A 134 6.63 -3.61 -20.47
CA ARG A 134 6.95 -2.23 -20.12
C ARG A 134 7.16 -1.41 -21.40
N GLN A 135 6.21 -0.52 -21.66
CA GLN A 135 6.18 0.22 -22.92
C GLN A 135 6.33 1.71 -22.67
N THR A 136 7.41 2.29 -23.20
CA THR A 136 7.62 3.72 -23.10
C THR A 136 6.71 4.48 -24.07
N ILE A 137 6.29 5.66 -23.66
CA ILE A 137 5.48 6.53 -24.50
C ILE A 137 6.15 7.90 -24.51
N ALA A 138 6.16 8.55 -25.66
CA ALA A 138 6.84 9.84 -25.79
C ALA A 138 5.88 10.98 -25.51
N LEU A 139 6.41 12.14 -25.16
CA LEU A 139 5.58 13.33 -25.00
C LEU A 139 4.82 13.59 -26.30
N ASN A 140 3.56 13.98 -26.15
CA ASN A 140 2.65 14.30 -27.25
C ASN A 140 2.21 13.08 -28.08
N GLU A 141 2.65 11.89 -27.70
CA GLU A 141 2.24 10.70 -28.44
C GLU A 141 0.92 10.12 -27.94
N THR A 142 -0.01 9.92 -28.87
CA THR A 142 -1.27 9.26 -28.59
C THR A 142 -1.15 7.75 -28.72
N PHE A 143 -1.70 7.01 -27.76
CA PHE A 143 -1.74 5.55 -27.86
C PHE A 143 -3.08 5.03 -27.36
N GLU A 144 -3.30 3.73 -27.51
CA GLU A 144 -4.60 3.13 -27.21
C GLU A 144 -4.44 1.88 -26.36
N PRO A 145 -4.33 2.07 -25.02
CA PRO A 145 -4.02 0.95 -24.12
C PRO A 145 -5.19 0.01 -23.91
N VAL A 146 -6.40 0.51 -24.17
CA VAL A 146 -7.62 -0.29 -24.15
C VAL A 146 -8.39 0.07 -25.41
N PRO A 147 -8.94 -0.94 -26.11
CA PRO A 147 -9.65 -0.64 -27.36
C PRO A 147 -10.77 0.38 -27.17
N GLY A 148 -10.69 1.48 -27.92
CA GLY A 148 -11.68 2.54 -27.84
C GLY A 148 -11.25 3.67 -26.93
N LEU A 149 -10.16 3.47 -26.20
CA LEU A 149 -9.68 4.48 -25.27
C LEU A 149 -8.35 5.05 -25.72
N SER A 150 -8.36 6.31 -26.17
CA SER A 150 -7.15 6.98 -26.61
C SER A 150 -6.57 7.84 -25.51
N VAL A 151 -5.25 7.75 -25.33
CA VAL A 151 -4.54 8.49 -24.30
C VAL A 151 -3.37 9.27 -24.89
N THR A 152 -3.23 10.53 -24.50
CA THR A 152 -2.11 11.34 -24.94
C THR A 152 -1.37 11.90 -23.73
N LEU A 153 -0.06 11.76 -23.73
CA LEU A 153 0.78 12.34 -22.69
C LEU A 153 1.34 13.68 -23.10
N PHE A 154 1.40 14.62 -22.17
CA PHE A 154 2.00 15.92 -22.42
C PHE A 154 2.67 16.43 -21.15
N SER A 155 3.81 17.09 -21.32
CA SER A 155 4.56 17.61 -20.19
C SER A 155 3.79 18.69 -19.45
N VAL A 156 3.90 18.71 -18.14
CA VAL A 156 3.40 19.80 -17.31
C VAL A 156 4.50 20.20 -16.34
N PRO A 157 4.51 21.47 -15.90
CA PRO A 157 5.53 21.91 -14.95
C PRO A 157 5.45 21.08 -13.67
N GLY A 158 6.58 20.53 -13.23
CA GLY A 158 6.57 19.70 -12.04
C GLY A 158 7.83 19.81 -11.21
N LYS A 159 7.92 18.93 -10.22
CA LYS A 159 9.12 18.79 -9.40
C LYS A 159 9.57 17.34 -9.49
N VAL A 160 10.88 17.10 -9.49
CA VAL A 160 11.37 15.73 -9.51
C VAL A 160 10.96 15.08 -8.19
N PRO A 161 10.69 13.77 -8.21
CA PRO A 161 10.27 13.04 -7.01
C PRO A 161 11.24 13.21 -5.85
N LEU A 162 10.73 13.14 -4.63
CA LEU A 162 11.52 13.33 -3.43
C LEU A 162 12.75 12.41 -3.42
N TRP A 163 12.56 11.15 -3.81
CA TRP A 163 13.64 10.18 -3.75
C TRP A 163 14.65 10.34 -4.88
N LEU A 164 14.44 11.35 -5.73
CA LEU A 164 15.39 11.68 -6.78
C LEU A 164 15.86 13.13 -6.68
N GLU A 165 15.50 13.79 -5.59
CA GLU A 165 15.86 15.19 -5.40
C GLU A 165 17.36 15.37 -5.20
N ASP A 166 17.91 16.44 -5.75
CA ASP A 166 19.34 16.66 -5.70
C ASP A 166 19.70 18.14 -5.44
N ALA A 167 21.00 18.43 -5.39
CA ALA A 167 21.48 19.75 -5.02
C ALA A 167 21.17 20.82 -6.07
N SER A 168 20.87 20.39 -7.28
CA SER A 168 20.49 21.30 -8.36
C SER A 168 19.03 21.07 -8.72
N MET A 169 18.20 20.91 -7.68
CA MET A 169 16.84 20.41 -7.83
C MET A 169 16.03 21.15 -8.88
N GLU A 170 15.26 20.38 -9.65
CA GLU A 170 14.38 20.93 -10.67
C GLU A 170 12.99 21.14 -10.08
N ILE A 171 12.48 22.36 -10.18
CA ILE A 171 11.13 22.68 -9.71
C ILE A 171 10.41 23.63 -10.66
N GLY A 172 9.36 23.12 -11.32
CA GLY A 172 8.56 23.94 -12.21
C GLY A 172 8.92 23.81 -13.68
N ALA A 173 9.93 23.00 -13.98
CA ALA A 173 10.34 22.79 -15.36
C ALA A 173 9.50 21.71 -16.02
N GLU A 174 9.45 21.73 -17.34
CA GLU A 174 8.63 20.78 -18.10
C GLU A 174 9.48 19.75 -18.82
N THR A 175 9.46 18.52 -18.33
CA THR A 175 10.23 17.43 -18.90
C THR A 175 9.38 16.17 -19.01
N GLU A 176 10.04 15.04 -19.23
CA GLU A 176 9.38 13.74 -19.22
C GLU A 176 9.04 13.30 -17.80
N THR A 177 9.54 14.05 -16.81
CA THR A 177 9.42 13.66 -15.42
C THR A 177 7.99 13.80 -14.89
N THR A 178 7.27 14.80 -15.37
CA THR A 178 5.88 14.99 -14.95
C THR A 178 4.99 15.26 -16.16
N VAL A 179 3.94 14.46 -16.30
CA VAL A 179 3.01 14.61 -17.43
C VAL A 179 1.56 14.74 -16.99
N GLY A 180 0.78 15.40 -17.83
CA GLY A 180 -0.66 15.40 -17.69
C GLY A 180 -1.16 14.47 -18.78
N THR A 181 -2.42 14.04 -18.69
CA THR A 181 -2.93 13.09 -19.66
C THR A 181 -4.28 13.47 -20.24
N MET A 182 -4.40 13.40 -21.57
CA MET A 182 -5.67 13.64 -22.22
C MET A 182 -6.29 12.30 -22.62
N ILE A 183 -7.48 12.03 -22.12
CA ILE A 183 -8.09 10.73 -22.30
C ILE A 183 -9.40 10.88 -23.07
N GLU A 184 -9.55 10.12 -24.14
CA GLU A 184 -10.71 10.25 -25.01
C GLU A 184 -11.33 8.91 -25.37
N ALA A 185 -12.66 8.86 -25.31
CA ALA A 185 -13.42 7.70 -25.75
C ALA A 185 -14.82 8.14 -26.13
N GLY A 186 -15.29 7.69 -27.29
CA GLY A 186 -16.65 7.97 -27.72
C GLY A 186 -16.99 9.45 -27.80
N GLY A 187 -16.04 10.26 -28.24
CA GLY A 187 -16.25 11.69 -28.38
C GLY A 187 -16.13 12.50 -27.09
N LYS A 188 -15.92 11.81 -25.97
CA LYS A 188 -15.77 12.49 -24.69
C LYS A 188 -14.29 12.64 -24.34
N ARG A 189 -13.95 13.70 -23.62
CA ARG A 189 -12.55 13.97 -23.33
C ARG A 189 -12.33 14.28 -21.85
N LEU A 190 -11.37 13.58 -21.26
CA LEU A 190 -11.00 13.77 -19.86
C LEU A 190 -9.55 14.20 -19.72
N ALA A 191 -9.34 15.28 -18.97
CA ALA A 191 -7.99 15.71 -18.64
C ALA A 191 -7.66 15.34 -17.19
N TYR A 192 -6.61 14.56 -17.02
CA TYR A 192 -6.17 14.11 -15.71
C TYR A 192 -4.74 14.58 -15.44
N ILE A 193 -4.61 15.54 -14.54
CA ILE A 193 -3.32 16.16 -14.22
C ILE A 193 -3.19 16.27 -12.70
N PRO A 194 -2.87 15.16 -12.03
CA PRO A 194 -2.83 15.12 -10.57
C PRO A 194 -1.69 15.94 -9.95
N GLY A 195 -0.64 16.22 -10.72
CA GLY A 195 0.47 17.01 -10.23
C GLY A 195 0.86 18.11 -11.21
N CYS A 196 0.88 19.34 -10.74
CA CYS A 196 1.17 20.47 -11.61
C CYS A 196 1.69 21.67 -10.80
N ALA A 197 2.89 22.12 -11.13
CA ALA A 197 3.56 23.18 -10.37
C ALA A 197 3.04 24.56 -10.72
N ARG A 198 2.61 24.74 -11.97
CA ARG A 198 2.06 26.02 -12.41
C ARG A 198 1.30 25.83 -13.72
N VAL A 199 0.31 26.70 -13.94
CA VAL A 199 -0.54 26.60 -15.12
C VAL A 199 -0.06 27.52 -16.23
N THR A 200 0.30 26.93 -17.36
CA THR A 200 0.76 27.71 -18.52
C THR A 200 -0.38 27.90 -19.51
N GLU A 201 -0.24 28.88 -20.40
CA GLU A 201 -1.22 29.09 -21.47
C GLU A 201 -1.33 27.86 -22.34
N ASP A 202 -0.20 27.17 -22.54
CA ASP A 202 -0.18 25.95 -23.32
C ASP A 202 -1.03 24.87 -22.66
N LEU A 203 -0.91 24.76 -21.34
CA LEU A 203 -1.69 23.78 -20.59
C LEU A 203 -3.19 24.08 -20.65
N LYS A 204 -3.53 25.37 -20.59
CA LYS A 204 -4.92 25.79 -20.67
C LYS A 204 -5.49 25.40 -22.02
N ALA A 205 -4.66 25.50 -23.06
CA ALA A 205 -5.07 25.14 -24.41
C ALA A 205 -5.36 23.64 -24.51
N ARG A 206 -4.58 22.84 -23.80
CA ARG A 206 -4.78 21.40 -23.77
C ARG A 206 -6.11 21.04 -23.12
N ILE A 207 -6.37 21.68 -22.00
CA ILE A 207 -7.56 21.42 -21.17
C ILE A 207 -8.85 21.93 -21.80
N ALA A 208 -8.80 23.11 -22.40
CA ALA A 208 -9.99 23.80 -22.91
C ALA A 208 -10.90 22.89 -23.73
N GLY A 209 -12.18 22.88 -23.39
CA GLY A 209 -13.15 22.07 -24.09
C GLY A 209 -13.38 20.69 -23.50
N ALA A 210 -12.52 20.28 -22.58
CA ALA A 210 -12.64 18.96 -21.97
C ALA A 210 -13.97 18.80 -21.24
N ASP A 211 -14.53 17.61 -21.28
CA ASP A 211 -15.77 17.33 -20.56
C ASP A 211 -15.52 17.24 -19.06
N ALA A 212 -14.33 16.82 -18.69
CA ALA A 212 -13.95 16.82 -17.28
C ALA A 212 -12.46 17.09 -17.10
N LEU A 213 -12.15 17.84 -16.04
CA LEU A 213 -10.77 18.05 -15.62
C LEU A 213 -10.57 17.55 -14.20
N LEU A 214 -9.64 16.62 -14.02
CA LEU A 214 -9.24 16.18 -12.69
C LEU A 214 -7.86 16.75 -12.44
N PHE A 215 -7.75 17.65 -11.47
CA PHE A 215 -6.57 18.49 -11.34
C PHE A 215 -5.99 18.56 -9.93
N ASP A 216 -4.67 18.70 -9.88
CA ASP A 216 -3.89 18.94 -8.66
C ASP A 216 -4.62 19.86 -7.68
N GLY A 217 -5.02 19.30 -6.55
CA GLY A 217 -5.65 20.07 -5.48
C GLY A 217 -4.92 19.91 -4.17
N THR A 218 -3.60 19.72 -4.24
CA THR A 218 -2.79 19.41 -3.07
C THR A 218 -2.92 20.44 -1.95
N VAL A 219 -2.78 21.72 -2.29
CA VAL A 219 -2.86 22.77 -1.28
C VAL A 219 -3.82 23.90 -1.66
N LEU A 220 -4.56 24.39 -0.67
CA LEU A 220 -5.44 25.54 -0.87
C LEU A 220 -4.62 26.82 -0.96
N GLU A 221 -3.80 27.04 0.07
CA GLU A 221 -2.84 28.14 0.10
C GLU A 221 -1.42 27.59 0.05
N ASP A 222 -0.48 28.40 -0.42
CA ASP A 222 0.93 28.03 -0.50
C ASP A 222 1.47 27.54 0.84
N ASP A 223 0.89 28.04 1.93
CA ASP A 223 1.39 27.74 3.27
C ASP A 223 0.48 26.80 4.08
N ASP A 224 -0.27 25.93 3.38
CA ASP A 224 -1.17 24.97 4.04
C ASP A 224 -0.47 24.16 5.14
N MET A 225 0.70 23.61 4.81
CA MET A 225 1.37 22.69 5.71
C MET A 225 1.92 23.44 6.92
N ILE A 226 2.34 24.67 6.67
CA ILE A 226 2.86 25.53 7.72
C ILE A 226 1.73 25.92 8.67
N ARG A 227 0.60 26.35 8.10
CA ARG A 227 -0.58 26.72 8.89
C ARG A 227 -1.11 25.53 9.69
N ALA A 228 -0.94 24.33 9.14
CA ALA A 228 -1.43 23.12 9.81
C ALA A 228 -0.47 22.68 10.90
N GLY A 229 0.75 23.22 10.86
CA GLY A 229 1.74 22.92 11.89
C GLY A 229 2.44 21.59 11.72
N VAL A 230 2.42 21.04 10.51
CA VAL A 230 3.01 19.73 10.27
C VAL A 230 4.31 19.77 9.48
N GLY A 231 4.62 20.92 8.90
CA GLY A 231 5.78 21.03 8.04
C GLY A 231 6.21 22.44 7.72
N THR A 232 7.36 22.56 7.06
CA THR A 232 7.93 23.86 6.69
C THR A 232 7.90 24.08 5.18
N LYS A 233 7.52 23.05 4.42
CA LYS A 233 7.54 23.15 2.96
C LYS A 233 6.31 23.87 2.42
N THR A 234 6.55 24.79 1.50
CA THR A 234 5.48 25.47 0.77
C THR A 234 4.94 24.61 -0.36
N GLY A 235 3.74 24.94 -0.83
CA GLY A 235 3.19 24.33 -2.03
C GLY A 235 4.17 24.43 -3.20
N TRP A 236 4.75 25.60 -3.38
CA TRP A 236 5.76 25.80 -4.41
C TRP A 236 6.90 24.79 -4.26
N ARG A 237 7.42 24.67 -3.04
CA ARG A 237 8.49 23.73 -2.72
C ARG A 237 8.16 22.29 -3.10
N MET A 238 6.89 21.92 -2.95
CA MET A 238 6.50 20.54 -3.21
C MET A 238 6.05 20.35 -4.66
N GLY A 239 6.05 21.44 -5.43
CA GLY A 239 5.73 21.39 -6.84
C GLY A 239 4.24 21.41 -7.14
N HIS A 240 3.49 22.19 -6.36
CA HIS A 240 2.04 22.24 -6.52
C HIS A 240 1.52 23.68 -6.53
N ILE A 241 0.88 24.07 -7.63
CA ILE A 241 0.21 25.36 -7.66
C ILE A 241 -0.98 25.31 -6.70
N GLN A 242 -1.08 26.32 -5.84
CA GLN A 242 -2.17 26.38 -4.86
C GLN A 242 -3.50 26.72 -5.52
N MET A 243 -4.60 26.37 -4.86
CA MET A 243 -5.95 26.63 -5.37
C MET A 243 -6.28 28.12 -5.44
N ASN A 244 -5.99 28.83 -4.35
CA ASN A 244 -6.45 30.21 -4.18
C ASN A 244 -5.53 31.28 -4.75
N GLY A 245 -6.04 32.50 -4.79
CA GLY A 245 -5.27 33.66 -5.20
C GLY A 245 -5.47 33.95 -6.67
N GLU A 246 -5.12 35.17 -7.07
CA GLU A 246 -5.24 35.58 -8.47
C GLU A 246 -4.32 34.76 -9.36
N THR A 247 -3.26 34.21 -8.75
CA THR A 247 -2.30 33.40 -9.47
C THR A 247 -2.55 31.90 -9.29
N GLY A 248 -3.57 31.57 -8.51
CA GLY A 248 -3.86 30.18 -8.18
C GLY A 248 -4.51 29.42 -9.32
N SER A 249 -4.73 28.12 -9.11
CA SER A 249 -5.27 27.25 -10.14
C SER A 249 -6.73 27.58 -10.49
N ILE A 250 -7.54 27.88 -9.48
CA ILE A 250 -8.94 28.20 -9.70
C ILE A 250 -9.09 29.43 -10.59
N ALA A 251 -8.36 30.48 -10.27
CA ALA A 251 -8.37 31.71 -11.06
C ALA A 251 -7.76 31.47 -12.45
N SER A 252 -6.65 30.73 -12.49
CA SER A 252 -5.94 30.51 -13.75
C SER A 252 -6.77 29.69 -14.75
N LEU A 253 -7.65 28.83 -14.24
CA LEU A 253 -8.42 27.93 -15.08
C LEU A 253 -9.85 28.41 -15.30
N ALA A 254 -10.19 29.56 -14.72
CA ALA A 254 -11.57 30.03 -14.70
C ALA A 254 -12.08 30.50 -16.06
N ASP A 255 -11.17 30.91 -16.94
CA ASP A 255 -11.58 31.51 -18.21
C ASP A 255 -11.43 30.56 -19.40
N ILE A 256 -11.35 29.26 -19.13
CA ILE A 256 -11.47 28.27 -20.19
C ILE A 256 -12.67 27.38 -19.92
N GLU A 257 -13.21 26.79 -20.98
CA GLU A 257 -14.42 25.98 -20.87
C GLU A 257 -14.12 24.55 -20.47
N ILE A 258 -14.76 24.11 -19.39
CA ILE A 258 -14.60 22.75 -18.87
C ILE A 258 -15.95 22.28 -18.36
N GLY A 259 -16.38 21.10 -18.79
CA GLY A 259 -17.66 20.54 -18.38
C GLY A 259 -17.74 20.35 -16.88
N ARG A 260 -16.73 19.70 -16.31
CA ARG A 260 -16.70 19.38 -14.88
C ARG A 260 -15.30 19.57 -14.31
N ARG A 261 -15.20 20.39 -13.27
CA ARG A 261 -13.93 20.65 -12.60
C ARG A 261 -13.86 19.84 -11.31
N VAL A 262 -12.84 18.99 -11.19
CA VAL A 262 -12.68 18.15 -10.01
C VAL A 262 -11.26 18.20 -9.47
N PHE A 263 -11.12 18.50 -8.18
CA PHE A 263 -9.83 18.46 -7.53
C PHE A 263 -9.52 17.07 -7.03
N VAL A 264 -8.34 16.57 -7.37
CA VAL A 264 -7.83 15.32 -6.80
C VAL A 264 -6.45 15.58 -6.19
N HIS A 265 -5.83 14.53 -5.65
CA HIS A 265 -4.49 14.62 -5.06
C HIS A 265 -4.46 15.68 -3.95
N ILE A 266 -5.47 15.66 -3.10
CA ILE A 266 -5.60 16.65 -2.02
C ILE A 266 -4.84 16.22 -0.76
N ASN A 267 -3.94 17.08 -0.29
CA ASN A 267 -3.14 16.72 0.90
C ASN A 267 -3.97 16.75 2.16
N ASN A 268 -3.56 15.97 3.15
CA ASN A 268 -4.28 15.87 4.41
C ASN A 268 -4.42 17.21 5.12
N THR A 269 -3.57 18.16 4.76
CA THR A 269 -3.57 19.48 5.40
C THR A 269 -4.51 20.49 4.72
N ASN A 270 -5.25 20.05 3.71
CA ASN A 270 -6.10 20.96 2.96
C ASN A 270 -7.50 21.04 3.56
N PRO A 271 -7.91 22.25 4.00
CA PRO A 271 -9.20 22.43 4.68
C PRO A 271 -10.44 22.17 3.81
N VAL A 272 -10.29 22.02 2.50
CA VAL A 272 -11.43 21.63 1.68
C VAL A 272 -11.86 20.20 2.00
N LEU A 273 -10.99 19.45 2.68
CA LEU A 273 -11.32 18.10 3.10
C LEU A 273 -12.36 18.10 4.20
N ILE A 274 -12.44 19.22 4.93
CA ILE A 274 -13.42 19.35 5.99
C ILE A 274 -14.77 19.65 5.35
N GLU A 275 -15.72 18.73 5.51
CA GLU A 275 -16.97 18.73 4.78
C GLU A 275 -17.76 20.02 4.93
N ASP A 276 -17.72 20.61 6.13
CA ASP A 276 -18.51 21.81 6.38
C ASP A 276 -17.71 23.10 6.48
N SER A 277 -16.49 23.10 5.96
CA SER A 277 -15.61 24.26 6.08
C SER A 277 -16.04 25.35 5.09
N TYR A 278 -15.75 26.60 5.43
CA TYR A 278 -15.96 27.69 4.47
C TYR A 278 -15.13 27.45 3.22
N GLU A 279 -13.91 26.95 3.43
CA GLU A 279 -12.99 26.67 2.34
C GLU A 279 -13.58 25.74 1.29
N ARG A 280 -14.20 24.65 1.75
CA ARG A 280 -14.87 23.71 0.85
C ARG A 280 -15.97 24.41 0.07
N ALA A 281 -16.82 25.16 0.78
CA ALA A 281 -17.90 25.92 0.15
C ALA A 281 -17.35 26.90 -0.87
N SER A 282 -16.24 27.55 -0.52
CA SER A 282 -15.60 28.53 -1.40
C SER A 282 -15.18 27.96 -2.75
N VAL A 283 -14.58 26.78 -2.75
CA VAL A 283 -14.09 26.20 -4.01
C VAL A 283 -15.26 25.68 -4.85
N GLU A 284 -16.29 25.16 -4.17
CA GLU A 284 -17.48 24.69 -4.86
C GLU A 284 -18.24 25.84 -5.49
N ALA A 285 -18.24 26.99 -4.82
CA ALA A 285 -18.91 28.18 -5.34
C ALA A 285 -18.20 28.67 -6.60
N ARG A 286 -16.93 28.33 -6.73
CA ARG A 286 -16.14 28.70 -7.90
C ARG A 286 -16.11 27.57 -8.93
N GLY A 287 -17.01 26.60 -8.77
CA GLY A 287 -17.23 25.59 -9.79
C GLY A 287 -16.42 24.31 -9.66
N TRP A 288 -15.80 24.09 -8.50
CA TRP A 288 -14.95 22.92 -8.33
C TRP A 288 -15.55 21.87 -7.39
N THR A 289 -15.48 20.61 -7.81
CA THR A 289 -15.82 19.48 -6.94
C THR A 289 -14.59 18.99 -6.20
N VAL A 290 -14.74 18.69 -4.92
CA VAL A 290 -13.67 18.07 -4.14
C VAL A 290 -13.86 16.56 -4.15
N ALA A 291 -12.93 15.84 -4.79
CA ALA A 291 -13.09 14.41 -4.99
C ALA A 291 -13.00 13.63 -3.68
N HIS A 292 -13.77 12.55 -3.61
CA HIS A 292 -13.65 11.56 -2.55
C HIS A 292 -13.43 10.19 -3.18
N ASP A 293 -12.94 9.24 -2.39
CA ASP A 293 -12.71 7.88 -2.89
C ASP A 293 -14.02 7.24 -3.36
N GLY A 294 -13.98 6.62 -4.52
CA GLY A 294 -15.15 5.94 -5.07
C GLY A 294 -16.04 6.83 -5.91
N LEU A 295 -15.70 8.11 -5.99
CA LEU A 295 -16.41 9.03 -6.89
C LEU A 295 -16.36 8.52 -8.32
N THR A 296 -17.51 8.47 -8.98
CA THR A 296 -17.56 7.99 -10.35
C THR A 296 -18.07 9.04 -11.34
N LEU A 297 -17.59 8.95 -12.57
CA LEU A 297 -18.08 9.80 -13.64
C LEU A 297 -18.44 8.93 -14.84
N ASP A 298 -19.59 9.21 -15.44
CA ASP A 298 -19.99 8.55 -16.67
C ASP A 298 -20.17 9.63 -17.73
N LEU A 299 -19.14 9.82 -18.54
CA LEU A 299 -19.11 10.93 -19.49
C LEU A 299 -19.77 10.55 -20.81
N MET B 1 3.81 -8.67 27.77
CA MET B 1 4.08 -8.31 26.39
C MET B 1 2.79 -8.15 25.59
N HIS B 2 2.68 -7.04 24.87
CA HIS B 2 1.52 -6.80 24.01
C HIS B 2 1.82 -7.19 22.58
N VAL B 3 0.89 -7.92 21.97
CA VAL B 3 1.03 -8.33 20.59
C VAL B 3 -0.21 -7.92 19.81
N VAL B 4 -0.02 -7.35 18.63
CA VAL B 4 -1.12 -7.14 17.70
C VAL B 4 -0.77 -7.75 16.36
N ILE B 5 -1.64 -8.62 15.88
CA ILE B 5 -1.44 -9.21 14.56
C ILE B 5 -2.05 -8.24 13.55
N LEU B 6 -1.19 -7.57 12.81
CA LEU B 6 -1.63 -6.55 11.88
C LEU B 6 -2.14 -7.18 10.59
N GLY B 7 -1.44 -8.20 10.14
CA GLY B 7 -1.81 -8.94 8.94
C GLY B 7 -1.63 -10.42 9.16
N SER B 8 -2.64 -11.20 8.78
CA SER B 8 -2.64 -12.63 9.07
C SER B 8 -2.56 -13.49 7.81
N ALA B 9 -2.52 -12.84 6.65
CA ALA B 9 -2.48 -13.56 5.38
C ALA B 9 -1.08 -13.72 4.83
N ALA B 10 -0.92 -14.69 3.93
CA ALA B 10 0.31 -14.85 3.17
C ALA B 10 0.37 -13.79 2.08
N GLY B 11 1.45 -13.78 1.30
CA GLY B 11 1.57 -12.89 0.17
C GLY B 11 0.31 -12.85 -0.67
N GLY B 12 -0.12 -11.65 -1.05
CA GLY B 12 -1.32 -11.49 -1.84
C GLY B 12 -2.51 -11.06 -1.01
N GLY B 13 -2.49 -11.41 0.28
CA GLY B 13 -3.60 -11.13 1.17
C GLY B 13 -4.85 -11.93 0.86
N VAL B 14 -5.94 -11.58 1.53
CA VAL B 14 -7.24 -12.20 1.29
C VAL B 14 -8.32 -11.11 1.16
N PRO B 15 -8.94 -11.00 -0.03
CA PRO B 15 -8.63 -11.77 -1.24
C PRO B 15 -7.36 -11.27 -1.93
N GLN B 16 -6.86 -12.05 -2.89
CA GLN B 16 -5.74 -11.62 -3.70
C GLN B 16 -6.29 -10.92 -4.93
N TRP B 17 -5.66 -9.82 -5.33
CA TRP B 17 -6.25 -8.88 -6.28
C TRP B 17 -6.63 -9.51 -7.63
N ASN B 18 -5.94 -10.57 -8.03
CA ASN B 18 -6.24 -11.23 -9.30
C ASN B 18 -6.70 -12.67 -9.11
N CYS B 19 -7.25 -12.98 -7.94
CA CYS B 19 -7.69 -14.34 -7.67
C CYS B 19 -9.20 -14.41 -7.49
N ARG B 20 -9.82 -15.40 -8.11
CA ARG B 20 -11.25 -15.64 -7.95
C ARG B 20 -11.50 -17.09 -7.53
N CYS B 21 -10.60 -17.64 -6.71
CA CYS B 21 -10.86 -18.95 -6.09
C CYS B 21 -12.10 -18.84 -5.21
N SER B 22 -12.61 -19.97 -4.75
CA SER B 22 -13.86 -19.99 -4.01
C SER B 22 -13.80 -19.16 -2.73
N ILE B 23 -12.63 -19.12 -2.09
CA ILE B 23 -12.48 -18.37 -0.85
C ILE B 23 -12.45 -16.86 -1.13
N CYS B 24 -11.58 -16.45 -2.06
CA CYS B 24 -11.51 -15.04 -2.45
C CYS B 24 -12.85 -14.53 -2.96
N SER B 25 -13.55 -15.37 -3.72
CA SER B 25 -14.84 -14.98 -4.30
C SER B 25 -15.86 -14.61 -3.22
N LEU B 26 -15.81 -15.34 -2.10
CA LEU B 26 -16.65 -15.02 -0.96
C LEU B 26 -16.31 -13.64 -0.41
N ALA B 27 -15.02 -13.36 -0.32
CA ALA B 27 -14.54 -12.06 0.16
C ALA B 27 -14.94 -10.92 -0.79
N TRP B 28 -14.80 -11.16 -2.10
CA TRP B 28 -15.18 -10.16 -3.08
C TRP B 28 -16.66 -9.82 -2.99
N ALA B 29 -17.46 -10.83 -2.65
CA ALA B 29 -18.91 -10.66 -2.54
C ALA B 29 -19.32 -10.04 -1.21
N GLY B 30 -18.37 -9.93 -0.29
CA GLY B 30 -18.66 -9.41 1.04
C GLY B 30 -19.40 -10.42 1.91
N ASP B 31 -19.22 -11.70 1.60
CA ASP B 31 -19.81 -12.76 2.39
C ASP B 31 -19.13 -12.85 3.75
N SER B 32 -19.92 -12.98 4.81
CA SER B 32 -19.39 -12.96 6.18
C SER B 32 -18.54 -14.18 6.51
N ARG B 33 -18.64 -15.22 5.70
CA ARG B 33 -17.91 -16.47 5.95
C ARG B 33 -16.41 -16.33 5.71
N VAL B 34 -15.98 -15.25 5.09
CA VAL B 34 -14.56 -15.02 4.89
C VAL B 34 -14.19 -13.58 5.24
N ARG B 35 -13.39 -13.43 6.29
CA ARG B 35 -12.89 -12.12 6.70
C ARG B 35 -11.66 -11.73 5.86
N PRO B 36 -11.72 -10.54 5.25
CA PRO B 36 -10.58 -10.03 4.49
C PRO B 36 -9.34 -9.90 5.36
N ARG B 37 -8.16 -10.15 4.79
CA ARG B 37 -6.93 -10.11 5.56
C ARG B 37 -5.82 -9.42 4.80
N THR B 38 -5.03 -8.63 5.52
CA THR B 38 -3.85 -8.01 4.96
C THR B 38 -2.64 -8.92 5.14
N GLN B 39 -1.52 -8.57 4.52
CA GLN B 39 -0.39 -9.48 4.45
C GLN B 39 0.44 -9.46 5.74
N SER B 40 0.98 -10.63 6.07
CA SER B 40 1.66 -10.90 7.33
C SER B 40 2.46 -9.72 7.90
N SER B 41 2.14 -9.37 9.13
CA SER B 41 2.94 -8.44 9.92
C SER B 41 2.36 -8.38 11.32
N ILE B 42 3.22 -8.26 12.32
CA ILE B 42 2.76 -8.08 13.69
C ILE B 42 3.51 -6.93 14.34
N ALA B 43 2.92 -6.39 15.39
CA ALA B 43 3.56 -5.36 16.19
C ALA B 43 3.62 -5.84 17.63
N VAL B 44 4.74 -5.61 18.30
CA VAL B 44 4.94 -6.08 19.67
C VAL B 44 5.47 -4.95 20.54
N SER B 45 5.02 -4.92 21.79
CA SER B 45 5.46 -3.89 22.72
C SER B 45 5.64 -4.43 24.14
N PRO B 46 6.67 -3.95 24.85
CA PRO B 46 6.86 -4.30 26.25
C PRO B 46 5.98 -3.49 27.20
N ASP B 47 5.45 -2.37 26.72
CA ASP B 47 4.75 -1.43 27.60
C ASP B 47 3.40 -0.96 27.04
N GLY B 48 3.11 -1.30 25.79
CA GLY B 48 1.86 -0.90 25.18
C GLY B 48 1.85 0.49 24.56
N GLU B 49 3.00 1.17 24.56
CA GLU B 49 3.08 2.52 23.99
C GLU B 49 4.16 2.62 22.92
N ARG B 50 5.26 1.91 23.13
CA ARG B 50 6.38 1.92 22.19
C ARG B 50 6.44 0.56 21.49
N TRP B 51 6.36 0.57 20.16
CA TRP B 51 6.16 -0.68 19.43
C TRP B 51 7.27 -1.02 18.44
N LEU B 52 7.54 -2.32 18.33
CA LEU B 52 8.41 -2.84 17.28
C LEU B 52 7.54 -3.48 16.22
N LEU B 53 7.74 -3.05 14.98
CA LEU B 53 7.04 -3.62 13.84
C LEU B 53 7.86 -4.76 13.24
N LEU B 54 7.27 -5.95 13.10
CA LEU B 54 7.95 -7.05 12.43
C LEU B 54 7.48 -7.15 10.99
N ASN B 55 8.37 -6.76 10.09
CA ASN B 55 8.11 -6.67 8.65
C ASN B 55 7.12 -5.55 8.31
N ALA B 56 7.27 -5.00 7.11
CA ALA B 56 6.45 -3.87 6.69
C ALA B 56 5.72 -4.25 5.41
N SER B 57 4.49 -4.73 5.57
CA SER B 57 3.74 -5.29 4.44
C SER B 57 3.17 -4.21 3.52
N PRO B 58 2.82 -4.60 2.30
CA PRO B 58 2.22 -3.65 1.35
C PRO B 58 0.95 -2.98 1.87
N ASP B 59 0.33 -3.60 2.87
CA ASP B 59 -0.92 -3.09 3.44
C ASP B 59 -0.73 -2.22 4.67
N ILE B 60 0.51 -1.82 4.95
CA ILE B 60 0.84 -1.23 6.24
C ILE B 60 0.01 0.01 6.58
N ARG B 61 -0.37 0.80 5.57
CA ARG B 61 -1.16 2.00 5.84
C ARG B 61 -2.56 1.63 6.35
N GLN B 62 -3.15 0.60 5.74
CA GLN B 62 -4.43 0.08 6.19
C GLN B 62 -4.32 -0.54 7.59
N GLN B 63 -3.21 -1.22 7.83
CA GLN B 63 -2.97 -1.87 9.12
C GLN B 63 -2.84 -0.85 10.25
N ILE B 64 -2.19 0.27 9.96
CA ILE B 64 -2.03 1.32 10.97
C ILE B 64 -3.41 1.92 11.27
N GLN B 65 -4.20 2.19 10.24
CA GLN B 65 -5.53 2.76 10.44
C GLN B 65 -6.45 1.84 11.24
N ALA B 66 -6.42 0.55 10.93
CA ALA B 66 -7.35 -0.42 11.49
C ALA B 66 -7.03 -0.76 12.94
N ASN B 67 -5.82 -0.44 13.38
CA ASN B 67 -5.38 -0.82 14.72
C ASN B 67 -4.96 0.39 15.55
N PRO B 68 -5.85 0.83 16.46
CA PRO B 68 -5.69 2.03 17.29
C PRO B 68 -4.34 2.09 18.01
N GLN B 69 -3.78 0.93 18.34
CA GLN B 69 -2.45 0.85 18.93
C GLN B 69 -1.40 1.55 18.06
N MET B 70 -1.65 1.57 16.75
CA MET B 70 -0.70 2.15 15.79
C MET B 70 -0.96 3.63 15.50
N HIS B 71 -2.10 4.14 15.97
CA HIS B 71 -2.46 5.53 15.69
C HIS B 71 -1.45 6.49 16.31
N PRO B 72 -1.09 7.54 15.56
CA PRO B 72 -0.14 8.54 16.05
C PRO B 72 -0.64 9.25 17.31
N ARG B 73 0.29 9.65 18.17
CA ARG B 73 -0.07 10.37 19.38
C ARG B 73 -0.11 11.86 19.09
N GLU B 74 -0.62 12.64 20.05
CA GLU B 74 -0.72 14.08 19.89
C GLU B 74 0.62 14.74 19.54
N GLY B 75 0.57 15.73 18.66
CA GLY B 75 1.76 16.49 18.31
C GLY B 75 2.38 16.12 16.97
N LEU B 76 3.60 16.61 16.76
CA LEU B 76 4.30 16.45 15.48
C LEU B 76 5.16 15.19 15.46
N ARG B 77 5.01 14.41 14.39
CA ARG B 77 5.83 13.22 14.15
C ARG B 77 5.90 12.32 15.39
N HIS B 78 4.74 11.96 15.92
CA HIS B 78 4.68 11.25 17.20
C HIS B 78 4.00 9.90 17.01
N SER B 79 4.73 8.94 16.44
CA SER B 79 4.18 7.62 16.16
C SER B 79 4.56 6.61 17.23
N PRO B 80 3.66 5.68 17.55
CA PRO B 80 4.00 4.62 18.51
C PRO B 80 4.99 3.61 17.93
N ILE B 81 5.17 3.63 16.61
CA ILE B 81 6.15 2.74 15.97
C ILE B 81 7.55 3.30 16.16
N HIS B 82 8.35 2.62 16.97
CA HIS B 82 9.71 3.07 17.27
C HIS B 82 10.76 2.36 16.42
N ALA B 83 10.46 1.15 15.99
CA ALA B 83 11.43 0.39 15.22
C ALA B 83 10.73 -0.60 14.28
N VAL B 84 11.44 -0.95 13.21
CA VAL B 84 10.95 -1.94 12.27
C VAL B 84 12.03 -3.00 12.07
N LEU B 85 11.61 -4.26 12.11
CA LEU B 85 12.52 -5.37 11.88
C LEU B 85 12.09 -6.12 10.64
N LEU B 86 13.03 -6.34 9.71
CA LEU B 86 12.74 -7.15 8.54
C LEU B 86 13.33 -8.54 8.77
N THR B 87 12.50 -9.56 8.60
CA THR B 87 12.96 -10.94 8.79
C THR B 87 13.46 -11.54 7.48
N ASN B 88 13.04 -10.95 6.37
CA ASN B 88 13.56 -11.33 5.06
C ASN B 88 13.36 -10.17 4.08
N GLY B 89 13.88 -10.33 2.87
CA GLY B 89 13.88 -9.24 1.90
C GLY B 89 12.82 -9.33 0.83
N ASP B 90 11.87 -10.24 0.98
CA ASP B 90 10.79 -10.38 0.01
C ASP B 90 9.96 -9.10 -0.08
N VAL B 91 9.36 -8.86 -1.23
CA VAL B 91 8.60 -7.64 -1.50
C VAL B 91 7.47 -7.44 -0.50
N ASP B 92 6.84 -8.52 -0.06
CA ASP B 92 5.74 -8.42 0.89
C ASP B 92 6.23 -8.15 2.32
N HIS B 93 7.55 -8.16 2.51
CA HIS B 93 8.13 -7.85 3.81
C HIS B 93 8.69 -6.42 3.87
N VAL B 94 8.94 -5.83 2.70
CA VAL B 94 9.59 -4.52 2.63
C VAL B 94 8.79 -3.41 1.95
N ALA B 95 7.77 -3.76 1.18
CA ALA B 95 7.01 -2.77 0.41
C ALA B 95 6.40 -1.70 1.30
N GLY B 96 6.04 -2.07 2.52
CA GLY B 96 5.48 -1.14 3.48
C GLY B 96 6.40 0.00 3.89
N LEU B 97 7.70 -0.21 3.69
CA LEU B 97 8.70 0.80 4.07
C LEU B 97 8.48 2.10 3.29
N LEU B 98 7.97 1.98 2.08
CA LEU B 98 7.70 3.16 1.24
C LEU B 98 6.61 4.04 1.83
N THR B 99 5.78 3.47 2.71
CA THR B 99 4.71 4.23 3.36
C THR B 99 5.26 5.01 4.57
N LEU B 100 6.30 4.47 5.19
CA LEU B 100 6.87 5.04 6.41
C LEU B 100 7.90 6.13 6.11
N ARG B 101 7.53 7.13 5.31
CA ARG B 101 8.51 8.01 4.70
C ARG B 101 8.49 9.47 5.14
N GLU B 102 7.38 9.91 5.71
CA GLU B 102 7.18 11.35 5.93
C GLU B 102 7.94 11.88 7.15
N GLY B 103 9.26 11.76 7.12
CA GLY B 103 10.11 12.36 8.14
C GLY B 103 10.01 11.77 9.53
N GLN B 104 9.45 10.57 9.65
CA GLN B 104 9.31 9.93 10.96
C GLN B 104 10.57 9.17 11.35
N PRO B 105 11.19 9.57 12.47
CA PRO B 105 12.37 8.83 12.96
C PRO B 105 11.98 7.46 13.49
N PHE B 106 12.70 6.44 13.05
CA PHE B 106 12.64 5.11 13.67
C PHE B 106 13.90 4.36 13.27
N THR B 107 14.11 3.20 13.86
CA THR B 107 15.28 2.42 13.50
C THR B 107 14.86 1.17 12.72
N LEU B 108 15.46 1.01 11.55
CA LEU B 108 15.23 -0.16 10.71
C LEU B 108 16.29 -1.22 10.96
N TYR B 109 15.86 -2.40 11.39
CA TYR B 109 16.79 -3.48 11.67
C TYR B 109 16.68 -4.59 10.63
N ALA B 110 17.82 -5.07 10.16
CA ALA B 110 17.87 -6.22 9.27
C ALA B 110 19.30 -6.74 9.15
N THR B 111 19.46 -7.94 8.61
CA THR B 111 20.78 -8.48 8.33
C THR B 111 21.47 -7.64 7.27
N PRO B 112 22.82 -7.71 7.18
CA PRO B 112 23.55 -6.92 6.19
C PRO B 112 23.07 -7.13 4.75
N GLY B 113 22.75 -8.36 4.39
CA GLY B 113 22.28 -8.67 3.05
C GLY B 113 20.99 -7.98 2.70
N ILE B 114 20.06 -7.96 3.65
CA ILE B 114 18.75 -7.36 3.42
C ILE B 114 18.84 -5.84 3.37
N LEU B 115 19.57 -5.25 4.31
CA LEU B 115 19.78 -3.81 4.33
C LEU B 115 20.47 -3.33 3.06
N ALA B 116 21.45 -4.08 2.59
CA ALA B 116 22.16 -3.75 1.34
C ALA B 116 21.21 -3.79 0.15
N SER B 117 20.35 -4.79 0.10
CA SER B 117 19.38 -4.94 -0.97
C SER B 117 18.41 -3.76 -1.00
N VAL B 118 17.97 -3.34 0.18
CA VAL B 118 17.11 -2.17 0.32
C VAL B 118 17.82 -0.93 -0.19
N SER B 119 19.04 -0.69 0.30
CA SER B 119 19.84 0.45 -0.12
C SER B 119 20.14 0.44 -1.61
N ASP B 120 20.09 -0.75 -2.23
CA ASP B 120 20.32 -0.86 -3.66
C ASP B 120 19.13 -0.35 -4.48
N ASN B 121 18.01 -0.14 -3.81
CA ASN B 121 16.84 0.47 -4.44
C ASN B 121 16.68 1.93 -3.99
N ARG B 122 16.93 2.87 -4.89
CA ARG B 122 16.86 4.29 -4.52
C ARG B 122 15.46 4.74 -4.11
N VAL B 123 14.43 4.00 -4.53
CA VAL B 123 13.06 4.37 -4.15
C VAL B 123 12.87 4.27 -2.63
N PHE B 124 13.64 3.42 -1.98
CA PHE B 124 13.57 3.31 -0.52
C PHE B 124 14.33 4.42 0.20
N ASP B 125 14.92 5.33 -0.55
CA ASP B 125 15.55 6.52 0.04
C ASP B 125 14.52 7.49 0.60
N VAL B 126 13.23 7.20 0.40
CA VAL B 126 12.17 7.99 1.02
C VAL B 126 12.25 7.86 2.54
N MET B 127 12.90 6.81 3.02
CA MET B 127 13.35 6.75 4.39
C MET B 127 14.66 7.54 4.50
N ALA B 128 14.55 8.82 4.82
CA ALA B 128 15.69 9.73 4.75
C ALA B 128 16.83 9.31 5.68
N ALA B 129 18.06 9.44 5.19
CA ALA B 129 19.25 9.01 5.92
C ALA B 129 19.46 9.77 7.22
N ASP B 130 18.95 10.99 7.29
CA ASP B 130 19.09 11.81 8.50
C ASP B 130 17.88 11.60 9.42
N VAL B 131 17.02 10.67 9.06
CA VAL B 131 15.78 10.44 9.79
C VAL B 131 15.63 8.99 10.24
N VAL B 132 15.82 8.07 9.31
CA VAL B 132 15.69 6.65 9.60
C VAL B 132 17.06 6.03 9.77
N LYS B 133 17.35 5.55 10.98
CA LYS B 133 18.59 4.85 11.24
C LYS B 133 18.48 3.43 10.73
N ARG B 134 19.43 3.03 9.89
CA ARG B 134 19.46 1.67 9.37
C ARG B 134 20.57 0.87 10.06
N GLN B 135 20.16 -0.09 10.88
CA GLN B 135 21.08 -0.81 11.75
C GLN B 135 21.13 -2.30 11.43
N THR B 136 22.32 -2.79 11.06
CA THR B 136 22.50 -4.21 10.78
C THR B 136 22.44 -5.06 12.04
N ILE B 137 21.88 -6.26 11.91
CA ILE B 137 21.83 -7.23 12.98
C ILE B 137 22.26 -8.61 12.49
N ALA B 138 22.96 -9.36 13.33
CA ALA B 138 23.39 -10.70 12.94
C ALA B 138 22.42 -11.76 13.46
N LEU B 139 22.40 -12.91 12.78
CA LEU B 139 21.67 -14.07 13.26
C LEU B 139 22.19 -14.47 14.64
N ASN B 140 21.27 -14.91 15.51
CA ASN B 140 21.61 -15.39 16.85
C ASN B 140 22.07 -14.28 17.78
N GLU B 141 22.11 -13.06 17.28
CA GLU B 141 22.45 -11.91 18.11
C GLU B 141 21.20 -11.38 18.77
N THR B 142 21.22 -11.25 20.10
CA THR B 142 20.10 -10.64 20.81
C THR B 142 20.30 -9.13 20.85
N PHE B 143 19.25 -8.38 20.55
CA PHE B 143 19.29 -6.93 20.67
C PHE B 143 18.00 -6.39 21.26
N GLU B 144 17.98 -5.11 21.57
CA GLU B 144 16.88 -4.50 22.31
C GLU B 144 16.40 -3.22 21.62
N PRO B 145 15.51 -3.37 20.63
CA PRO B 145 15.08 -2.25 19.79
C PRO B 145 14.09 -1.33 20.51
N VAL B 146 13.47 -1.86 21.56
CA VAL B 146 12.61 -1.10 22.44
C VAL B 146 13.00 -1.50 23.86
N PRO B 147 13.14 -0.51 24.78
CA PRO B 147 13.58 -0.85 26.13
C PRO B 147 12.68 -1.89 26.80
N GLY B 148 13.26 -3.00 27.23
CA GLY B 148 12.51 -4.06 27.86
C GLY B 148 12.13 -5.17 26.90
N LEU B 149 12.39 -4.94 25.61
CA LEU B 149 12.04 -5.90 24.57
C LEU B 149 13.27 -6.52 23.92
N SER B 150 13.51 -7.80 24.17
CA SER B 150 14.65 -8.49 23.58
C SER B 150 14.22 -9.26 22.33
N VAL B 151 15.02 -9.13 21.27
CA VAL B 151 14.71 -9.79 20.00
C VAL B 151 15.90 -10.59 19.50
N THR B 152 15.66 -11.84 19.10
CA THR B 152 16.69 -12.68 18.51
C THR B 152 16.21 -13.34 17.22
N LEU B 153 17.00 -13.27 16.15
CA LEU B 153 16.70 -14.01 14.92
C LEU B 153 17.43 -15.34 14.92
N PHE B 154 16.78 -16.36 14.39
CA PHE B 154 17.39 -17.69 14.30
C PHE B 154 16.92 -18.39 13.04
N SER B 155 17.82 -19.19 12.45
CA SER B 155 17.51 -19.92 11.23
C SER B 155 16.44 -20.97 11.46
N VAL B 156 15.55 -21.13 10.48
CA VAL B 156 14.59 -22.23 10.45
C VAL B 156 14.60 -22.86 9.05
N PRO B 157 14.28 -24.16 8.97
CA PRO B 157 14.27 -24.86 7.68
C PRO B 157 13.32 -24.24 6.65
N THR B 178 15.92 -18.55 5.63
CA THR B 178 14.66 -18.40 6.34
C THR B 178 14.91 -18.24 7.84
N VAL B 179 14.37 -17.19 8.43
CA VAL B 179 14.60 -16.96 9.86
C VAL B 179 13.31 -16.88 10.64
N GLY B 180 13.37 -17.29 11.90
CA GLY B 180 12.30 -17.07 12.84
C GLY B 180 12.75 -15.99 13.81
N THR B 181 11.81 -15.46 14.58
CA THR B 181 12.15 -14.39 15.52
C THR B 181 11.69 -14.76 16.92
N MET B 182 12.60 -14.61 17.89
CA MET B 182 12.27 -14.83 19.29
C MET B 182 12.18 -13.50 20.02
N ILE B 183 11.04 -13.23 20.63
CA ILE B 183 10.78 -11.95 21.27
C ILE B 183 10.50 -12.17 22.76
N GLU B 184 11.19 -11.41 23.60
CA GLU B 184 11.05 -11.59 25.05
C GLU B 184 10.90 -10.27 25.77
N ALA B 185 9.94 -10.24 26.72
CA ALA B 185 9.75 -9.09 27.59
C ALA B 185 9.06 -9.54 28.87
N GLY B 186 9.59 -9.10 30.00
CA GLY B 186 9.00 -9.38 31.30
C GLY B 186 8.78 -10.87 31.58
N GLY B 187 9.74 -11.68 31.16
CA GLY B 187 9.65 -13.12 31.39
C GLY B 187 8.78 -13.87 30.41
N LYS B 188 8.11 -13.13 29.51
CA LYS B 188 7.23 -13.75 28.52
C LYS B 188 7.94 -13.91 27.17
N ARG B 189 7.62 -14.97 26.44
CA ARG B 189 8.32 -15.27 25.19
C ARG B 189 7.38 -15.58 24.03
N LEU B 190 7.60 -14.92 22.90
CA LEU B 190 6.83 -15.19 21.69
C LEU B 190 7.75 -15.62 20.56
N ALA B 191 7.40 -16.72 19.89
CA ALA B 191 8.13 -17.16 18.71
C ALA B 191 7.31 -16.82 17.46
N TYR B 192 7.90 -16.06 16.54
CA TYR B 192 7.20 -15.66 15.34
C TYR B 192 7.90 -16.28 14.15
N ILE B 193 7.24 -17.27 13.55
CA ILE B 193 7.81 -18.05 12.45
C ILE B 193 6.78 -18.22 11.34
N PRO B 194 6.57 -17.16 10.54
CA PRO B 194 5.56 -17.14 9.48
C PRO B 194 5.90 -18.03 8.30
N GLY B 195 7.17 -18.42 8.17
CA GLY B 195 7.60 -19.29 7.09
C GLY B 195 8.46 -20.44 7.59
N CYS B 196 8.06 -21.67 7.27
CA CYS B 196 8.78 -22.84 7.75
C CYS B 196 8.54 -24.06 6.86
N ALA B 197 9.63 -24.62 6.34
CA ALA B 197 9.56 -25.72 5.37
C ALA B 197 9.33 -27.07 6.04
N ARG B 198 9.84 -27.23 7.25
CA ARG B 198 9.69 -28.47 8.00
C ARG B 198 10.01 -28.28 9.47
N VAL B 199 9.38 -29.09 10.32
CA VAL B 199 9.58 -28.98 11.76
C VAL B 199 10.60 -29.99 12.23
N THR B 200 11.73 -29.48 12.73
CA THR B 200 12.81 -30.32 13.22
C THR B 200 12.79 -30.41 14.75
N GLU B 201 13.45 -31.42 15.28
CA GLU B 201 13.61 -31.53 16.72
C GLU B 201 14.35 -30.31 17.26
N ASP B 202 15.29 -29.80 16.48
CA ASP B 202 16.03 -28.60 16.82
C ASP B 202 15.09 -27.40 16.97
N LEU B 203 14.17 -27.26 16.02
CA LEU B 203 13.20 -26.18 16.04
C LEU B 203 12.26 -26.29 17.24
N LYS B 204 11.82 -27.52 17.52
CA LYS B 204 10.90 -27.78 18.62
C LYS B 204 11.53 -27.41 19.96
N ALA B 205 12.83 -27.66 20.09
CA ALA B 205 13.54 -27.35 21.32
C ALA B 205 13.57 -25.85 21.57
N ARG B 206 13.72 -25.08 20.49
CA ARG B 206 13.71 -23.63 20.56
C ARG B 206 12.32 -23.10 20.94
N ILE B 207 11.28 -23.66 20.33
CA ILE B 207 9.91 -23.20 20.55
C ILE B 207 9.39 -23.57 21.93
N ALA B 208 9.71 -24.78 22.38
CA ALA B 208 9.18 -25.33 23.63
C ALA B 208 9.26 -24.34 24.79
N GLY B 209 8.14 -24.17 25.48
CA GLY B 209 8.08 -23.26 26.62
C GLY B 209 7.60 -21.86 26.29
N ALA B 210 7.54 -21.53 25.00
CA ALA B 210 7.09 -20.20 24.58
C ALA B 210 5.64 -19.96 25.01
N ASP B 211 5.35 -18.71 25.40
CA ASP B 211 3.99 -18.35 25.78
C ASP B 211 3.06 -18.25 24.57
N ALA B 212 3.63 -17.93 23.42
CA ALA B 212 2.85 -17.93 22.18
C ALA B 212 3.71 -18.33 20.98
N LEU B 213 3.12 -19.11 20.09
CA LEU B 213 3.76 -19.44 18.83
C LEU B 213 2.89 -18.99 17.68
N LEU B 214 3.45 -18.13 16.84
CA LEU B 214 2.79 -17.71 15.61
C LEU B 214 3.52 -18.38 14.46
N PHE B 215 2.83 -19.26 13.76
CA PHE B 215 3.51 -20.20 12.87
C PHE B 215 2.90 -20.25 11.47
N ASP B 216 3.76 -20.52 10.49
CA ASP B 216 3.36 -20.75 9.09
C ASP B 216 2.07 -21.55 8.97
N GLY B 217 1.02 -20.90 8.46
CA GLY B 217 -0.24 -21.57 8.20
C GLY B 217 -0.65 -21.43 6.74
N THR B 218 0.34 -21.36 5.85
CA THR B 218 0.08 -21.08 4.43
C THR B 218 -0.91 -22.05 3.80
N VAL B 219 -0.68 -23.34 4.00
CA VAL B 219 -1.55 -24.36 3.41
C VAL B 219 -2.03 -25.36 4.44
N LEU B 220 -3.29 -25.77 4.29
CA LEU B 220 -3.88 -26.82 5.13
C LEU B 220 -3.37 -28.17 4.69
N GLU B 221 -3.55 -28.46 3.40
CA GLU B 221 -3.01 -29.65 2.79
C GLU B 221 -1.90 -29.22 1.84
N ASP B 222 -0.96 -30.13 1.58
CA ASP B 222 0.16 -29.84 0.68
C ASP B 222 -0.30 -29.35 -0.69
N ASP B 223 -1.49 -29.76 -1.12
CA ASP B 223 -1.99 -29.44 -2.45
C ASP B 223 -3.12 -28.40 -2.47
N ASP B 224 -3.16 -27.52 -1.47
CA ASP B 224 -4.18 -26.48 -1.39
C ASP B 224 -4.31 -25.66 -2.67
N MET B 225 -3.18 -25.19 -3.17
CA MET B 225 -3.18 -24.28 -4.30
C MET B 225 -3.53 -25.00 -5.59
N ILE B 226 -3.16 -26.28 -5.67
CA ILE B 226 -3.49 -27.10 -6.83
C ILE B 226 -4.99 -27.36 -6.90
N ARG B 227 -5.57 -27.77 -5.78
CA ARG B 227 -7.00 -28.01 -5.69
C ARG B 227 -7.82 -26.74 -5.94
N ALA B 228 -7.25 -25.59 -5.59
CA ALA B 228 -7.94 -24.32 -5.78
C ALA B 228 -7.84 -23.87 -7.24
N GLY B 229 -6.93 -24.48 -7.98
CA GLY B 229 -6.76 -24.19 -9.40
C GLY B 229 -5.97 -22.93 -9.69
N VAL B 230 -5.16 -22.49 -8.73
CA VAL B 230 -4.42 -21.24 -8.88
C VAL B 230 -2.93 -21.46 -9.11
N GLY B 231 -2.48 -22.71 -8.96
CA GLY B 231 -1.06 -23.01 -9.09
C GLY B 231 -0.81 -24.50 -9.24
N THR B 232 0.43 -24.85 -9.57
CA THR B 232 0.80 -26.24 -9.76
C THR B 232 1.74 -26.72 -8.67
N LYS B 233 2.24 -25.77 -7.88
CA LYS B 233 3.22 -26.06 -6.83
C LYS B 233 2.58 -26.51 -5.53
N THR B 234 3.13 -27.55 -4.92
CA THR B 234 2.72 -27.99 -3.60
C THR B 234 3.36 -27.09 -2.54
N GLY B 235 2.79 -27.11 -1.33
CA GLY B 235 3.36 -26.39 -0.20
C GLY B 235 4.83 -26.72 0.02
N TRP B 236 5.15 -28.01 -0.05
CA TRP B 236 6.52 -28.49 0.05
C TRP B 236 7.44 -27.81 -0.96
N ARG B 237 7.01 -27.77 -2.21
CA ARG B 237 7.75 -27.13 -3.29
C ARG B 237 8.06 -25.67 -2.97
N MET B 238 7.13 -25.01 -2.29
CA MET B 238 7.25 -23.58 -1.99
C MET B 238 7.90 -23.30 -0.64
N GLY B 239 8.22 -24.36 0.09
CA GLY B 239 8.87 -24.22 1.38
C GLY B 239 7.93 -23.95 2.54
N HIS B 240 6.76 -24.59 2.51
CA HIS B 240 5.76 -24.43 3.56
C HIS B 240 5.24 -25.78 4.02
N ILE B 241 5.50 -26.14 5.27
CA ILE B 241 4.91 -27.34 5.85
C ILE B 241 3.39 -27.17 5.99
N GLN B 242 2.64 -28.15 5.51
CA GLN B 242 1.19 -28.08 5.60
C GLN B 242 0.71 -28.34 7.03
N MET B 243 -0.49 -27.88 7.35
CA MET B 243 -1.06 -28.04 8.68
C MET B 243 -1.34 -29.51 9.02
N ASN B 244 -1.99 -30.21 8.10
CA ASN B 244 -2.51 -31.54 8.38
C ASN B 244 -1.52 -32.67 8.12
N GLY B 245 -1.88 -33.88 8.55
CA GLY B 245 -1.08 -35.06 8.26
C GLY B 245 -0.10 -35.39 9.36
N GLU B 246 0.40 -36.62 9.34
CA GLU B 246 1.39 -37.05 10.34
C GLU B 246 2.67 -36.25 10.24
N THR B 247 2.93 -35.71 9.05
CA THR B 247 4.12 -34.92 8.81
C THR B 247 3.83 -33.41 8.88
N GLY B 248 2.58 -33.07 9.16
CA GLY B 248 2.17 -31.68 9.18
C GLY B 248 2.60 -30.95 10.43
N SER B 249 2.37 -29.63 10.45
CA SER B 249 2.81 -28.80 11.56
C SER B 249 2.06 -29.09 12.86
N ILE B 250 0.76 -29.30 12.76
CA ILE B 250 -0.06 -29.58 13.93
C ILE B 250 0.39 -30.84 14.66
N ALA B 251 0.59 -31.92 13.91
CA ALA B 251 1.06 -33.16 14.50
C ALA B 251 2.51 -33.02 15.00
N SER B 252 3.33 -32.35 14.21
CA SER B 252 4.75 -32.19 14.54
C SER B 252 4.97 -31.36 15.80
N LEU B 253 4.06 -30.43 16.08
CA LEU B 253 4.22 -29.51 17.21
C LEU B 253 3.38 -29.89 18.42
N ALA B 254 2.64 -30.99 18.34
CA ALA B 254 1.65 -31.34 19.35
C ALA B 254 2.25 -31.75 20.69
N ASP B 255 3.50 -32.23 20.70
CA ASP B 255 4.07 -32.79 21.93
C ASP B 255 5.10 -31.90 22.63
N ILE B 256 5.08 -30.60 22.33
CA ILE B 256 5.86 -29.64 23.11
C ILE B 256 4.92 -28.62 23.74
N GLU B 257 5.38 -27.98 24.82
CA GLU B 257 4.53 -27.05 25.55
C GLU B 257 4.54 -25.67 24.90
N ILE B 258 3.34 -25.17 24.60
CA ILE B 258 3.15 -23.85 24.01
C ILE B 258 1.90 -23.24 24.62
N GLY B 259 2.01 -22.02 25.14
CA GLY B 259 0.87 -21.35 25.75
C GLY B 259 -0.25 -21.13 24.74
N ARG B 260 0.11 -20.57 23.59
CA ARG B 260 -0.87 -20.27 22.56
C ARG B 260 -0.32 -20.59 21.17
N ARG B 261 -1.06 -21.43 20.45
CA ARG B 261 -0.69 -21.80 19.08
C ARG B 261 -1.54 -20.99 18.11
N VAL B 262 -0.89 -20.19 17.27
CA VAL B 262 -1.60 -19.34 16.33
C VAL B 262 -1.03 -19.46 14.93
N PHE B 263 -1.90 -19.74 13.96
CA PHE B 263 -1.49 -19.79 12.56
C PHE B 263 -1.53 -18.39 11.96
N VAL B 264 -0.45 -17.99 11.32
CA VAL B 264 -0.42 -16.75 10.54
C VAL B 264 0.07 -17.06 9.12
N HIS B 265 0.19 -16.03 8.30
CA HIS B 265 0.67 -16.18 6.93
C HIS B 265 -0.20 -17.17 6.17
N ILE B 266 -1.51 -17.04 6.32
CA ILE B 266 -2.46 -17.97 5.71
C ILE B 266 -2.76 -17.56 4.26
N ASN B 267 -2.55 -18.49 3.33
CA ASN B 267 -2.80 -18.18 1.93
C ASN B 267 -4.30 -18.11 1.65
N ASN B 268 -4.67 -17.33 0.63
CA ASN B 268 -6.06 -17.15 0.28
C ASN B 268 -6.76 -18.47 -0.10
N THR B 269 -5.97 -19.48 -0.44
CA THR B 269 -6.51 -20.78 -0.85
C THR B 269 -6.73 -21.74 0.31
N ASN B 270 -6.51 -21.29 1.54
CA ASN B 270 -6.63 -22.18 2.69
C ASN B 270 -8.05 -22.17 3.25
N PRO B 271 -8.70 -23.35 3.26
CA PRO B 271 -10.10 -23.46 3.69
C PRO B 271 -10.35 -23.16 5.17
N VAL B 272 -9.31 -23.04 5.98
CA VAL B 272 -9.49 -22.62 7.38
C VAL B 272 -9.98 -21.17 7.43
N LEU B 273 -9.84 -20.45 6.32
CA LEU B 273 -10.30 -19.07 6.23
C LEU B 273 -11.82 -18.98 6.26
N ILE B 274 -12.49 -20.07 5.88
CA ILE B 274 -13.94 -20.11 5.87
C ILE B 274 -14.45 -20.30 7.30
N GLU B 275 -15.14 -19.27 7.80
CA GLU B 275 -15.49 -19.19 9.22
C GLU B 275 -16.28 -20.36 9.78
N ASP B 276 -17.19 -20.92 9.00
CA ASP B 276 -18.02 -22.01 9.52
C ASP B 276 -17.62 -23.37 8.96
N SER B 277 -16.42 -23.47 8.43
CA SER B 277 -15.97 -24.70 7.77
C SER B 277 -15.57 -25.78 8.77
N TYR B 278 -15.70 -27.04 8.36
CA TYR B 278 -15.22 -28.15 9.16
C TYR B 278 -13.71 -28.04 9.39
N GLU B 279 -13.00 -27.63 8.36
CA GLU B 279 -11.55 -27.48 8.41
C GLU B 279 -11.12 -26.55 9.55
N ARG B 280 -11.78 -25.41 9.65
CA ARG B 280 -11.53 -24.46 10.72
C ARG B 280 -11.77 -25.09 12.09
N ALA B 281 -12.93 -25.73 12.24
CA ALA B 281 -13.27 -26.43 13.47
C ALA B 281 -12.25 -27.50 13.82
N SER B 282 -11.80 -28.24 12.80
CA SER B 282 -10.81 -29.30 12.98
C SER B 282 -9.49 -28.76 13.53
N VAL B 283 -9.07 -27.62 13.00
CA VAL B 283 -7.79 -27.04 13.39
C VAL B 283 -7.89 -26.46 14.80
N GLU B 284 -9.05 -25.88 15.12
CA GLU B 284 -9.30 -25.35 16.45
C GLU B 284 -9.42 -26.47 17.48
N ALA B 285 -10.02 -27.59 17.07
CA ALA B 285 -10.18 -28.74 17.95
C ALA B 285 -8.82 -29.33 18.33
N ARG B 286 -7.82 -29.11 17.49
CA ARG B 286 -6.48 -29.60 17.75
C ARG B 286 -5.59 -28.55 18.41
N GLY B 287 -6.22 -27.50 18.94
CA GLY B 287 -5.54 -26.55 19.80
C GLY B 287 -4.94 -25.34 19.11
N TRP B 288 -5.30 -25.10 17.85
CA TRP B 288 -4.75 -23.99 17.11
C TRP B 288 -5.76 -22.88 16.86
N THR B 289 -5.32 -21.64 17.05
CA THR B 289 -6.12 -20.47 16.67
C THR B 289 -5.78 -20.06 15.24
N VAL B 290 -6.81 -19.76 14.46
CA VAL B 290 -6.60 -19.21 13.12
C VAL B 290 -6.67 -17.69 13.21
N ALA B 291 -5.52 -17.05 12.98
CA ALA B 291 -5.42 -15.60 13.19
C ALA B 291 -6.24 -14.80 12.21
N HIS B 292 -6.77 -13.68 12.70
CA HIS B 292 -7.39 -12.66 11.86
C HIS B 292 -6.70 -11.33 12.13
N ASP B 293 -6.85 -10.38 11.21
CA ASP B 293 -6.24 -9.06 11.38
C ASP B 293 -6.76 -8.38 12.65
N GLY B 294 -5.84 -7.83 13.44
CA GLY B 294 -6.23 -7.13 14.65
C GLY B 294 -6.34 -8.01 15.88
N LEU B 295 -6.12 -9.31 15.72
CA LEU B 295 -6.07 -10.22 16.86
C LEU B 295 -5.00 -9.72 17.82
N THR B 296 -5.34 -9.64 19.09
CA THR B 296 -4.39 -9.15 20.09
C THR B 296 -4.05 -10.21 21.11
N LEU B 297 -2.83 -10.15 21.64
CA LEU B 297 -2.39 -11.02 22.72
C LEU B 297 -1.75 -10.19 23.82
N ASP B 298 -2.09 -10.48 25.07
CA ASP B 298 -1.44 -9.86 26.21
C ASP B 298 -0.80 -10.96 27.05
N LEU B 299 0.49 -11.19 26.84
CA LEU B 299 1.19 -12.31 27.45
C LEU B 299 1.71 -11.95 28.83
ZN ZN C . -2.72 15.66 8.80
ZN ZN D . 1.66 12.72 -4.96
ZN ZN E . -8.00 -16.89 -3.90
ZN ZN F . 5.49 -14.25 2.31
#